data_8GEO
#
_entry.id   8GEO
#
_cell.length_a   180.066
_cell.length_b   180.066
_cell.length_c   133.826
_cell.angle_alpha   90.000
_cell.angle_beta   90.000
_cell.angle_gamma   120.000
#
_symmetry.space_group_name_H-M   'P 64 2 2'
#
loop_
_entity.id
_entity.type
_entity.pdbx_description
1 polymer Beta-glucuronidase
2 non-polymer 8-chloro-11-(1-beta-D-glucopyranuronosylpiperidin-4-ylidene)-3-hydroxy-6,11-dihydro-5H-benzo[5,6]cyclohepta[1,2-b]pyridine
3 non-polymer GLYCEROL
4 water water
#
_entity_poly.entity_id   1
_entity_poly.type   'polypeptide(L)'
_entity_poly.pdbx_seq_one_letter_code
;SNAMLYPVLTQSRLLSDLSGVWNFKLDNGKGFEEKWYEKPLKDADTMPVPASYNDLKEGTDFRDHYGWVFYQRNISVPEY
VKSQRIVLRCAAVTHYAMIYLNGKLICEHKGGFLPFEVELNDDLQDGDNLLTIAVNNVIDYTTLPVGGKANMMSGMMGGM
GAGASDKPQNNPNFDFFNYCGITRPVKIYTTPETYINDITVTADIDFTKEEPSAVLNYNVEIKGKDYNNITCKVELFDEE
GTKLSETEGSEGTFEISNVRLWQPLNAYLYKIKVTAGQDVYTLPYGVRSVRVDGTKFLINEKPFYFKGYGKHEDTFPNGR
GINLPMNTKDISIMKWQHANSFRTSHYPYSEEMMRLCDEEGIVVIDETTAVGVNLQFGGGANFGGERIGTFDKEHGVQTQ
EHHKDVIRDLISRDKNHACVVMWSIANEPDSAAEGAYDYFKPLYDLARELDPQKRPCTLVSVQGTTADTDCSSQLSDVIC
LNRYYGWYFGGPDLEVSETGLRKELSDWGKLGKPVMFTEYGADTVSGLHDTTSVMYTEEYQVEYYEMNNKVFDEFDFVVG
EQAWNFADFATSQSLLRVQGNKKGLFTRDRKPKMVAHYFRNRWSAIPEFGYKTK
;
_entity_poly.pdbx_strand_id   A
#
# COMPACT_ATOMS: atom_id res chain seq x y z
N ALA A 3 13.60 -4.48 -9.23
CA ALA A 3 12.63 -5.23 -10.03
C ALA A 3 12.12 -6.44 -9.25
N MET A 4 10.80 -6.51 -9.07
CA MET A 4 10.18 -7.58 -8.29
C MET A 4 8.90 -8.01 -8.98
N LEU A 5 8.90 -9.22 -9.54
CA LEU A 5 7.71 -9.83 -10.10
C LEU A 5 7.05 -10.73 -9.07
N TYR A 6 5.74 -10.80 -9.13
CA TYR A 6 5.00 -11.60 -8.15
C TYR A 6 5.23 -13.09 -8.42
N PRO A 7 5.87 -13.82 -7.51
CA PRO A 7 6.11 -15.24 -7.75
C PRO A 7 4.81 -16.02 -7.81
N VAL A 8 4.64 -16.77 -8.90
CA VAL A 8 3.45 -17.59 -9.09
C VAL A 8 3.85 -18.99 -9.51
N LEU A 9 2.89 -19.80 -9.90
CA LEU A 9 3.13 -21.17 -10.35
C LEU A 9 3.08 -21.20 -11.87
N THR A 10 4.18 -21.63 -12.49
CA THR A 10 4.26 -21.68 -13.94
C THR A 10 4.97 -22.96 -14.37
N GLN A 11 4.77 -23.31 -15.65
CA GLN A 11 5.40 -24.50 -16.20
C GLN A 11 6.92 -24.45 -16.10
N SER A 12 7.50 -23.27 -15.91
CA SER A 12 8.94 -23.12 -15.85
C SER A 12 9.47 -22.82 -14.45
N ARG A 13 8.60 -22.54 -13.49
CA ARG A 13 9.04 -22.09 -12.17
C ARG A 13 8.14 -22.69 -11.10
N LEU A 14 8.71 -22.87 -9.91
CA LEU A 14 8.02 -23.47 -8.78
C LEU A 14 7.60 -22.41 -7.79
N LEU A 15 7.14 -22.84 -6.62
CA LEU A 15 6.71 -21.92 -5.56
C LEU A 15 6.29 -22.71 -4.32
N SER A 16 7.16 -22.78 -3.32
CA SER A 16 6.90 -23.46 -2.07
C SER A 16 6.68 -22.43 -0.97
N ASP A 17 5.49 -22.42 -0.39
CA ASP A 17 5.17 -21.49 0.69
C ASP A 17 5.79 -21.99 1.99
N LEU A 18 6.75 -21.23 2.53
CA LEU A 18 7.37 -21.57 3.80
C LEU A 18 6.50 -21.24 5.00
N SER A 19 5.24 -20.85 4.77
CA SER A 19 4.37 -20.44 5.86
C SER A 19 4.06 -21.61 6.78
N GLY A 20 3.75 -21.28 8.03
CA GLY A 20 3.49 -22.25 9.07
C GLY A 20 4.00 -21.73 10.39
N VAL A 21 4.05 -22.62 11.37
CA VAL A 21 4.52 -22.27 12.72
C VAL A 21 6.04 -22.41 12.74
N TRP A 22 6.74 -21.30 12.90
CA TRP A 22 8.19 -21.28 12.98
C TRP A 22 8.66 -21.24 14.43
N ASN A 23 9.96 -21.43 14.61
CA ASN A 23 10.58 -21.22 15.91
C ASN A 23 10.78 -19.74 16.15
N PHE A 24 10.37 -19.28 17.33
CA PHE A 24 10.40 -17.86 17.66
C PHE A 24 11.09 -17.65 19.00
N LYS A 25 11.81 -16.53 19.10
CA LYS A 25 12.50 -16.19 20.34
C LYS A 25 12.77 -14.70 20.36
N LEU A 26 12.37 -14.04 21.44
CA LEU A 26 12.66 -12.62 21.60
C LEU A 26 14.13 -12.42 21.93
N ASP A 27 14.77 -11.50 21.21
CA ASP A 27 16.13 -11.12 21.56
C ASP A 27 16.16 -10.54 22.97
N ASN A 28 17.26 -10.78 23.68
CA ASN A 28 17.46 -10.22 25.01
C ASN A 28 18.70 -9.34 25.07
N GLY A 29 19.20 -8.90 23.92
CA GLY A 29 20.43 -8.14 23.86
C GLY A 29 21.62 -9.02 23.55
N LYS A 30 21.82 -10.06 24.37
CA LYS A 30 22.89 -11.03 24.12
C LYS A 30 22.62 -11.90 22.91
N GLY A 31 21.49 -11.72 22.22
CA GLY A 31 21.14 -12.63 21.14
C GLY A 31 22.18 -12.66 20.04
N PHE A 32 22.65 -11.49 19.61
CA PHE A 32 23.58 -11.45 18.48
C PHE A 32 24.98 -11.87 18.87
N GLU A 33 25.46 -11.45 20.04
CA GLU A 33 26.80 -11.85 20.47
C GLU A 33 26.88 -13.37 20.63
N GLU A 34 25.83 -13.98 21.17
CA GLU A 34 25.80 -15.42 21.37
C GLU A 34 25.47 -16.18 20.10
N LYS A 35 25.30 -15.50 18.97
CA LYS A 35 25.14 -16.11 17.66
C LYS A 35 24.06 -17.20 17.68
N TRP A 36 22.83 -16.77 17.98
CA TRP A 36 21.69 -17.68 17.95
C TRP A 36 21.39 -18.18 16.54
N TYR A 37 21.79 -17.44 15.51
CA TYR A 37 21.46 -17.78 14.14
C TYR A 37 22.16 -19.03 13.64
N GLU A 38 23.07 -19.61 14.43
CA GLU A 38 23.77 -20.83 14.02
C GLU A 38 23.10 -22.06 14.61
N LYS A 39 23.14 -22.19 15.93
CA LYS A 39 22.50 -23.29 16.62
C LYS A 39 20.99 -23.08 16.61
N PRO A 40 20.20 -24.01 17.14
CA PRO A 40 18.75 -23.81 17.17
C PRO A 40 18.35 -22.71 18.14
N LEU A 41 17.07 -22.44 18.26
CA LEU A 41 16.57 -21.47 19.23
C LEU A 41 16.29 -22.22 20.53
N LYS A 42 17.24 -22.13 21.47
CA LYS A 42 17.07 -22.77 22.76
C LYS A 42 15.89 -22.16 23.51
N ASP A 43 15.02 -23.01 24.04
CA ASP A 43 13.80 -22.55 24.72
C ASP A 43 12.93 -21.74 23.76
N ALA A 44 12.92 -22.14 22.50
CA ALA A 44 12.19 -21.39 21.49
C ALA A 44 10.69 -21.39 21.77
N ASP A 45 9.99 -20.48 21.12
CA ASP A 45 8.54 -20.36 21.19
C ASP A 45 7.95 -20.63 19.81
N THR A 46 6.62 -20.62 19.74
CA THR A 46 5.91 -20.87 18.49
C THR A 46 5.36 -19.57 17.94
N MET A 47 5.51 -19.38 16.63
CA MET A 47 5.01 -18.17 16.00
C MET A 47 4.62 -18.44 14.55
N PRO A 48 3.34 -18.29 14.20
CA PRO A 48 2.93 -18.52 12.82
C PRO A 48 3.50 -17.45 11.89
N VAL A 49 3.82 -17.89 10.67
CA VAL A 49 4.31 -16.99 9.62
C VAL A 49 3.45 -17.23 8.38
N PRO A 50 2.99 -16.18 7.70
CA PRO A 50 3.22 -14.75 7.96
C PRO A 50 2.25 -14.16 8.98
N ALA A 51 2.69 -13.20 9.79
CA ALA A 51 1.83 -12.52 10.75
C ALA A 51 2.62 -11.63 11.69
N SER A 52 2.01 -10.56 12.16
CA SER A 52 2.62 -9.75 13.20
C SER A 52 2.55 -10.48 14.53
N TYR A 53 3.66 -10.47 15.27
CA TYR A 53 3.77 -11.24 16.50
C TYR A 53 3.29 -10.48 17.74
N ASN A 54 3.00 -9.19 17.63
CA ASN A 54 2.75 -8.37 18.81
C ASN A 54 1.53 -8.85 19.60
N ASP A 55 0.52 -9.38 18.92
CA ASP A 55 -0.74 -9.73 19.56
C ASP A 55 -0.95 -11.24 19.69
N LEU A 56 0.04 -12.04 19.32
CA LEU A 56 -0.12 -13.50 19.32
C LEU A 56 0.31 -14.14 20.63
N LYS A 57 0.69 -13.35 21.63
CA LYS A 57 1.00 -13.87 22.95
C LYS A 57 0.50 -12.86 23.99
N GLU A 58 0.20 -13.36 25.18
CA GLU A 58 -0.33 -12.50 26.24
C GLU A 58 0.80 -11.82 27.00
N GLY A 59 0.48 -10.66 27.57
CA GLY A 59 1.47 -9.88 28.28
C GLY A 59 2.04 -8.74 27.46
N THR A 60 2.26 -7.59 28.11
CA THR A 60 2.78 -6.43 27.40
C THR A 60 4.21 -6.63 26.93
N ASP A 61 4.94 -7.60 27.48
CA ASP A 61 6.34 -7.75 27.14
C ASP A 61 6.53 -8.30 25.73
N PHE A 62 5.55 -9.05 25.22
CA PHE A 62 5.59 -9.45 23.82
C PHE A 62 5.00 -8.39 22.91
N ARG A 63 3.93 -7.72 23.36
CA ARG A 63 3.30 -6.69 22.56
C ARG A 63 4.19 -5.46 22.43
N ASP A 64 4.81 -5.03 23.54
CA ASP A 64 5.60 -3.81 23.59
C ASP A 64 7.10 -4.08 23.51
N HIS A 65 7.50 -5.19 22.90
CA HIS A 65 8.91 -5.52 22.79
C HIS A 65 9.66 -4.43 22.03
N TYR A 66 10.90 -4.19 22.44
CA TYR A 66 11.77 -3.21 21.81
C TYR A 66 13.03 -3.92 21.33
N GLY A 67 13.24 -3.97 20.02
CA GLY A 67 14.47 -4.52 19.50
C GLY A 67 14.29 -5.64 18.49
N TRP A 68 14.99 -6.75 18.72
CA TRP A 68 15.07 -7.84 17.77
C TRP A 68 14.25 -9.04 18.22
N VAL A 69 13.76 -9.80 17.24
CA VAL A 69 13.17 -11.11 17.46
C VAL A 69 13.74 -12.04 16.39
N PHE A 70 13.90 -13.31 16.76
CA PHE A 70 14.54 -14.30 15.90
C PHE A 70 13.51 -15.32 15.44
N TYR A 71 13.23 -15.33 14.14
CA TYR A 71 12.49 -16.40 13.51
C TYR A 71 13.46 -17.46 13.02
N GLN A 72 13.14 -18.73 13.29
CA GLN A 72 13.98 -19.84 12.85
C GLN A 72 13.10 -20.90 12.22
N ARG A 73 13.66 -21.59 11.22
CA ARG A 73 12.89 -22.58 10.46
C ARG A 73 13.86 -23.56 9.84
N ASN A 74 13.32 -24.71 9.42
CA ASN A 74 14.09 -25.77 8.79
C ASN A 74 13.77 -25.79 7.30
N ILE A 75 14.78 -25.52 6.48
CA ILE A 75 14.63 -25.50 5.03
C ILE A 75 15.35 -26.70 4.44
N SER A 76 14.79 -27.25 3.37
CA SER A 76 15.34 -28.44 2.75
C SER A 76 14.85 -28.52 1.31
N VAL A 77 15.76 -28.79 0.38
CA VAL A 77 15.43 -28.88 -1.03
C VAL A 77 16.01 -30.18 -1.60
N PRO A 78 15.32 -30.85 -2.52
CA PRO A 78 15.89 -32.03 -3.15
C PRO A 78 16.96 -31.65 -4.16
N GLU A 79 18.06 -32.42 -4.15
CA GLU A 79 19.19 -32.10 -5.00
C GLU A 79 18.82 -32.06 -6.48
N TYR A 80 17.75 -32.75 -6.88
CA TYR A 80 17.36 -32.73 -8.29
C TYR A 80 16.78 -31.39 -8.70
N VAL A 81 16.60 -30.45 -7.77
CA VAL A 81 16.15 -29.10 -8.10
C VAL A 81 17.29 -28.10 -8.08
N LYS A 82 18.47 -28.48 -7.59
CA LYS A 82 19.60 -27.57 -7.53
C LYS A 82 20.03 -27.11 -8.91
N SER A 83 19.58 -27.78 -9.97
CA SER A 83 19.94 -27.38 -11.32
C SER A 83 19.30 -26.06 -11.73
N GLN A 84 18.23 -25.65 -11.06
CA GLN A 84 17.53 -24.42 -11.37
C GLN A 84 18.02 -23.29 -10.47
N ARG A 85 17.45 -22.11 -10.67
CA ARG A 85 17.79 -20.93 -9.90
C ARG A 85 16.89 -20.86 -8.67
N ILE A 86 17.49 -20.94 -7.48
CA ILE A 86 16.75 -20.96 -6.22
C ILE A 86 16.74 -19.54 -5.65
N VAL A 87 15.56 -19.05 -5.30
CA VAL A 87 15.37 -17.68 -4.82
C VAL A 87 14.49 -17.70 -3.57
N LEU A 88 14.90 -16.95 -2.56
CA LEU A 88 14.10 -16.77 -1.35
C LEU A 88 13.44 -15.40 -1.43
N ARG A 89 12.11 -15.39 -1.57
CA ARG A 89 11.35 -14.16 -1.71
C ARG A 89 10.62 -13.86 -0.40
N CYS A 90 10.90 -12.70 0.17
CA CYS A 90 10.23 -12.22 1.37
C CYS A 90 9.28 -11.11 0.97
N ALA A 91 7.98 -11.37 1.03
CA ALA A 91 6.99 -10.38 0.63
C ALA A 91 7.06 -9.14 1.51
N ALA A 92 7.48 -9.30 2.77
CA ALA A 92 7.58 -8.17 3.67
C ALA A 92 8.14 -8.59 5.03
N VAL A 93 8.99 -7.75 5.61
CA VAL A 93 9.54 -7.97 6.94
C VAL A 93 9.61 -6.62 7.64
N THR A 94 8.86 -6.47 8.74
CA THR A 94 8.71 -5.20 9.43
C THR A 94 9.50 -5.22 10.72
N HIS A 95 10.52 -4.36 10.83
CA HIS A 95 10.89 -3.40 9.79
C HIS A 95 12.16 -3.82 9.07
N TYR A 96 13.17 -4.22 9.84
CA TYR A 96 14.49 -4.54 9.32
C TYR A 96 14.73 -6.03 9.42
N ALA A 97 15.06 -6.66 8.29
CA ALA A 97 15.26 -8.10 8.22
C ALA A 97 16.73 -8.43 8.02
N MET A 98 17.14 -9.60 8.53
CA MET A 98 18.49 -10.11 8.36
C MET A 98 18.40 -11.63 8.24
N ILE A 99 18.65 -12.13 7.04
CA ILE A 99 18.44 -13.55 6.71
C ILE A 99 19.75 -14.29 6.86
N TYR A 100 19.71 -15.40 7.59
CA TYR A 100 20.86 -16.28 7.76
C TYR A 100 20.52 -17.66 7.19
N LEU A 101 21.56 -18.38 6.77
CA LEU A 101 21.39 -19.76 6.29
C LEU A 101 22.58 -20.56 6.80
N ASN A 102 22.33 -21.38 7.82
CA ASN A 102 23.34 -22.17 8.51
C ASN A 102 24.25 -21.33 9.39
N GLY A 103 24.10 -20.01 9.37
CA GLY A 103 24.92 -19.13 10.19
C GLY A 103 25.52 -17.98 9.42
N LYS A 104 25.41 -18.02 8.09
CA LYS A 104 26.01 -17.02 7.23
C LYS A 104 24.96 -15.97 6.84
N LEU A 105 25.22 -14.72 7.22
CA LEU A 105 24.36 -13.61 6.82
C LEU A 105 24.31 -13.51 5.31
N ILE A 106 23.17 -13.83 4.71
CA ILE A 106 23.06 -13.88 3.26
C ILE A 106 22.29 -12.69 2.68
N CYS A 107 21.50 -11.98 3.49
CA CYS A 107 20.72 -10.87 2.96
C CYS A 107 20.38 -9.91 4.08
N GLU A 108 20.12 -8.67 3.69
CA GLU A 108 19.62 -7.64 4.59
C GLU A 108 18.67 -6.73 3.82
N HIS A 109 17.78 -6.08 4.55
CA HIS A 109 16.80 -5.20 3.92
C HIS A 109 16.31 -4.18 4.93
N LYS A 110 16.25 -2.92 4.51
CA LYS A 110 15.61 -1.85 5.27
C LYS A 110 14.33 -1.46 4.57
N GLY A 111 13.20 -1.68 5.24
CA GLY A 111 11.89 -1.46 4.63
C GLY A 111 10.93 -2.58 4.98
N GLY A 112 9.91 -2.26 5.77
CA GLY A 112 9.03 -3.28 6.29
C GLY A 112 7.78 -3.57 5.49
N PHE A 113 7.63 -2.98 4.30
CA PHE A 113 6.36 -3.13 3.58
C PHE A 113 6.55 -3.33 2.07
N LEU A 114 7.71 -3.82 1.64
CA LEU A 114 7.93 -4.11 0.23
C LEU A 114 8.82 -5.34 0.10
N PRO A 115 8.69 -6.08 -1.00
CA PRO A 115 9.39 -7.36 -1.13
C PRO A 115 10.87 -7.19 -1.41
N PHE A 116 11.61 -8.25 -1.09
CA PHE A 116 13.04 -8.34 -1.35
C PHE A 116 13.42 -9.80 -1.36
N GLU A 117 14.29 -10.15 -2.31
CA GLU A 117 14.65 -11.57 -2.47
C GLU A 117 16.17 -11.76 -2.44
N VAL A 118 16.59 -13.01 -2.34
CA VAL A 118 18.00 -13.38 -2.31
C VAL A 118 18.15 -14.75 -2.95
N GLU A 119 19.36 -15.05 -3.39
CA GLU A 119 19.66 -16.32 -4.05
C GLU A 119 20.25 -17.30 -3.05
N LEU A 120 19.84 -18.56 -3.16
CA LEU A 120 20.23 -19.60 -2.22
C LEU A 120 21.08 -20.70 -2.84
N ASN A 121 21.37 -20.64 -4.14
CA ASN A 121 22.11 -21.72 -4.79
C ASN A 121 23.47 -21.94 -4.14
N ASP A 122 24.18 -20.87 -3.81
CA ASP A 122 25.57 -20.99 -3.40
C ASP A 122 25.73 -21.40 -1.93
N ASP A 123 24.79 -21.03 -1.07
CA ASP A 123 24.92 -21.26 0.37
C ASP A 123 24.01 -22.36 0.88
N LEU A 124 23.36 -23.11 -0.01
CA LEU A 124 22.56 -24.24 0.43
C LEU A 124 23.47 -25.36 0.94
N GLN A 125 22.85 -26.36 1.57
CA GLN A 125 23.56 -27.58 1.94
C GLN A 125 22.88 -28.78 1.28
N ASP A 126 23.13 -29.98 1.79
CA ASP A 126 22.57 -31.18 1.16
C ASP A 126 21.24 -31.57 1.79
N GLY A 127 21.16 -31.58 3.12
CA GLY A 127 19.96 -32.02 3.79
C GLY A 127 19.18 -30.89 4.44
N ASP A 128 19.21 -30.81 5.76
CA ASP A 128 18.47 -29.82 6.51
C ASP A 128 19.32 -28.56 6.70
N ASN A 129 18.76 -27.41 6.33
CA ASN A 129 19.40 -26.12 6.50
C ASN A 129 18.63 -25.30 7.53
N LEU A 130 19.34 -24.51 8.32
CA LEU A 130 18.75 -23.69 9.36
C LEU A 130 18.57 -22.27 8.83
N LEU A 131 17.35 -21.93 8.44
CA LEU A 131 17.02 -20.59 7.99
C LEU A 131 16.64 -19.75 9.20
N THR A 132 17.32 -18.62 9.38
CA THR A 132 17.10 -17.74 10.52
C THR A 132 16.83 -16.33 10.01
N ILE A 133 15.63 -15.83 10.24
CA ILE A 133 15.24 -14.47 9.87
C ILE A 133 15.11 -13.66 11.15
N ALA A 134 15.98 -12.68 11.33
CA ALA A 134 15.94 -11.79 12.48
C ALA A 134 15.28 -10.48 12.07
N VAL A 135 14.35 -10.00 12.91
CA VAL A 135 13.57 -8.81 12.59
C VAL A 135 13.77 -7.78 13.69
N ASN A 136 13.90 -6.52 13.28
CA ASN A 136 14.02 -5.39 14.19
C ASN A 136 12.79 -4.50 14.06
N ASN A 137 12.35 -3.93 15.17
CA ASN A 137 11.15 -3.11 15.21
C ASN A 137 11.43 -1.65 15.51
N VAL A 138 12.69 -1.26 15.68
CA VAL A 138 13.01 0.10 16.10
C VAL A 138 12.72 1.08 14.96
N ILE A 139 12.16 2.23 15.32
CA ILE A 139 11.85 3.30 14.37
C ILE A 139 12.45 4.59 14.90
N ASP A 140 12.92 5.43 13.98
CA ASP A 140 13.56 6.68 14.37
C ASP A 140 13.48 7.64 13.17
N TYR A 141 14.34 8.67 13.17
CA TYR A 141 14.35 9.66 12.09
C TYR A 141 14.94 9.12 10.80
N THR A 142 15.42 7.87 10.79
CA THR A 142 15.99 7.27 9.58
C THR A 142 15.12 6.17 9.01
N THR A 143 13.91 6.00 9.53
CA THR A 143 13.01 4.95 9.09
C THR A 143 11.74 5.55 8.50
N LEU A 144 11.10 4.76 7.63
CA LEU A 144 9.79 5.10 7.09
C LEU A 144 8.87 3.92 7.35
N PRO A 145 7.86 4.06 8.23
CA PRO A 145 7.44 5.28 8.92
C PRO A 145 8.49 5.85 9.87
N VAL A 146 8.29 7.09 10.30
CA VAL A 146 9.25 7.78 11.15
C VAL A 146 8.91 7.53 12.61
N GLY A 147 9.94 7.29 13.42
CA GLY A 147 9.76 7.14 14.85
C GLY A 147 10.39 8.26 15.64
N GLY A 148 9.67 8.81 16.62
CA GLY A 148 10.19 9.94 17.37
C GLY A 148 11.08 9.55 18.54
N LYS A 149 10.90 10.24 19.66
CA LYS A 149 11.69 9.99 20.86
C LYS A 149 11.16 10.79 22.03
N ALA A 150 10.64 10.10 23.05
CA ALA A 150 10.09 10.77 24.22
C ALA A 150 8.91 11.67 23.83
N PRO A 168 12.57 1.77 27.70
CA PRO A 168 13.09 1.82 26.33
C PRO A 168 12.10 1.28 25.31
N GLN A 169 11.32 2.17 24.69
CA GLN A 169 10.26 1.76 23.79
C GLN A 169 10.22 2.68 22.57
N ASN A 170 9.71 2.16 21.47
CA ASN A 170 9.48 2.96 20.29
C ASN A 170 8.34 3.95 20.52
N ASN A 171 8.55 5.19 20.07
CA ASN A 171 7.51 6.22 20.10
C ASN A 171 7.13 6.55 18.67
N PRO A 172 6.11 5.89 18.11
CA PRO A 172 5.80 6.10 16.69
C PRO A 172 5.32 7.51 16.43
N ASN A 173 5.88 8.15 15.40
CA ASN A 173 5.39 9.43 14.90
C ASN A 173 4.19 9.26 13.95
N PHE A 174 3.34 8.27 14.22
CA PHE A 174 2.21 7.96 13.38
C PHE A 174 1.11 7.36 14.26
N ASP A 175 -0.12 7.38 13.75
CA ASP A 175 -1.28 6.95 14.52
C ASP A 175 -1.73 5.55 14.09
N PHE A 176 -0.85 4.58 14.32
CA PHE A 176 -1.21 3.18 14.20
C PHE A 176 -0.10 2.35 14.85
N PHE A 177 -0.49 1.18 15.36
CA PHE A 177 0.42 0.40 16.19
C PHE A 177 1.58 -0.15 15.37
N ASN A 178 2.72 -0.35 16.05
CA ASN A 178 3.97 -0.74 15.41
C ASN A 178 4.05 -2.27 15.28
N TYR A 179 3.08 -2.84 14.57
CA TYR A 179 3.07 -4.28 14.32
C TYR A 179 4.29 -4.67 13.50
N CYS A 180 5.06 -5.64 14.01
CA CYS A 180 6.27 -6.07 13.34
C CYS A 180 6.33 -7.60 13.32
N GLY A 181 7.31 -8.11 12.58
CA GLY A 181 7.44 -9.52 12.28
C GLY A 181 7.29 -9.77 10.79
N ILE A 182 7.43 -11.05 10.44
CA ILE A 182 7.30 -11.45 9.04
C ILE A 182 5.89 -11.17 8.57
N THR A 183 5.62 -9.92 8.19
CA THR A 183 4.26 -9.47 7.92
C THR A 183 3.65 -10.18 6.72
N ARG A 184 4.44 -10.49 5.70
CA ARG A 184 3.88 -11.14 4.52
C ARG A 184 4.61 -12.45 4.24
N PRO A 185 4.11 -13.27 3.31
CA PRO A 185 4.62 -14.63 3.17
C PRO A 185 6.08 -14.67 2.74
N VAL A 186 6.78 -15.70 3.22
CA VAL A 186 8.12 -16.04 2.77
C VAL A 186 8.02 -17.31 1.95
N LYS A 187 8.38 -17.22 0.68
CA LYS A 187 8.26 -18.34 -0.26
C LYS A 187 9.61 -18.63 -0.89
N ILE A 188 9.64 -19.74 -1.64
CA ILE A 188 10.79 -20.13 -2.44
C ILE A 188 10.29 -20.46 -3.85
N TYR A 189 11.01 -19.93 -4.82
CA TYR A 189 10.64 -20.19 -6.24
C TYR A 189 11.91 -20.39 -7.04
N THR A 190 11.79 -21.12 -8.15
CA THR A 190 12.93 -21.40 -9.02
C THR A 190 12.70 -20.79 -10.39
N THR A 191 13.73 -20.88 -11.23
CA THR A 191 13.70 -20.33 -12.57
C THR A 191 14.96 -20.74 -13.31
N PRO A 192 14.89 -20.92 -14.63
CA PRO A 192 16.09 -21.31 -15.39
C PRO A 192 17.19 -20.27 -15.28
N GLU A 193 18.40 -20.68 -15.65
CA GLU A 193 19.55 -19.79 -15.59
C GLU A 193 19.25 -18.45 -16.25
N THR A 194 18.71 -18.49 -17.46
CA THR A 194 18.27 -17.29 -18.17
C THR A 194 16.76 -17.17 -17.99
N TYR A 195 16.33 -16.15 -17.26
CA TYR A 195 14.96 -16.04 -16.79
C TYR A 195 14.37 -14.69 -17.15
N ILE A 196 13.05 -14.58 -16.98
CA ILE A 196 12.36 -13.30 -17.10
C ILE A 196 12.49 -12.59 -15.76
N ASN A 197 13.26 -11.51 -15.73
CA ASN A 197 13.51 -10.79 -14.49
C ASN A 197 12.52 -9.67 -14.25
N ASP A 198 11.93 -9.11 -15.30
CA ASP A 198 11.04 -7.97 -15.16
C ASP A 198 10.25 -7.81 -16.45
N ILE A 199 9.08 -7.18 -16.33
CA ILE A 199 8.20 -6.95 -17.47
C ILE A 199 7.49 -5.63 -17.28
N THR A 200 7.18 -4.97 -18.39
CA THR A 200 6.50 -3.68 -18.37
C THR A 200 5.54 -3.61 -19.55
N VAL A 201 4.37 -3.03 -19.32
CA VAL A 201 3.34 -2.93 -20.35
C VAL A 201 2.59 -1.61 -20.17
N THR A 202 2.50 -0.84 -21.24
CA THR A 202 1.72 0.38 -21.29
C THR A 202 0.69 0.28 -22.41
N ALA A 203 -0.30 1.17 -22.37
CA ALA A 203 -1.40 1.13 -23.31
C ALA A 203 -1.68 2.52 -23.86
N ASP A 204 -1.71 2.65 -25.18
CA ASP A 204 -2.18 3.85 -25.86
C ASP A 204 -3.54 3.52 -26.46
N ILE A 205 -4.59 4.12 -25.91
CA ILE A 205 -5.97 3.80 -26.27
C ILE A 205 -6.49 4.90 -27.18
N ASP A 206 -7.00 4.50 -28.35
CA ASP A 206 -7.52 5.44 -29.34
C ASP A 206 -9.02 5.59 -29.09
N PHE A 207 -9.37 6.54 -28.23
CA PHE A 207 -10.76 6.82 -27.89
C PHE A 207 -11.49 7.59 -28.99
N THR A 208 -10.83 7.83 -30.13
CA THR A 208 -11.45 8.62 -31.19
C THR A 208 -12.49 7.83 -31.96
N LYS A 209 -12.14 6.62 -32.38
CA LYS A 209 -13.07 5.78 -33.14
C LYS A 209 -14.33 5.51 -32.31
N GLU A 210 -15.44 5.26 -33.03
CA GLU A 210 -16.67 4.89 -32.35
C GLU A 210 -16.44 3.74 -31.38
N GLU A 211 -15.64 2.76 -31.77
CA GLU A 211 -15.16 1.74 -30.84
C GLU A 211 -13.71 2.04 -30.48
N PRO A 212 -13.37 2.09 -29.20
CA PRO A 212 -11.97 2.38 -28.83
C PRO A 212 -11.08 1.17 -29.06
N SER A 213 -10.10 1.33 -29.95
CA SER A 213 -9.06 0.33 -30.13
C SER A 213 -7.90 0.65 -29.19
N ALA A 214 -6.89 -0.23 -29.16
CA ALA A 214 -5.78 -0.05 -28.26
C ALA A 214 -4.53 -0.71 -28.83
N VAL A 215 -3.39 -0.12 -28.50
CA VAL A 215 -2.08 -0.67 -28.86
C VAL A 215 -1.26 -0.77 -27.58
N LEU A 216 -0.77 -1.96 -27.27
CA LEU A 216 -0.05 -2.23 -26.04
C LEU A 216 1.43 -2.43 -26.36
N ASN A 217 2.29 -1.73 -25.63
CA ASN A 217 3.74 -1.83 -25.78
C ASN A 217 4.30 -2.61 -24.60
N TYR A 218 5.11 -3.64 -24.89
CA TYR A 218 5.72 -4.44 -23.85
C TYR A 218 7.25 -4.29 -23.91
N ASN A 219 7.90 -4.81 -22.87
CA ASN A 219 9.35 -4.73 -22.78
C ASN A 219 9.80 -5.74 -21.74
N VAL A 220 10.43 -6.83 -22.19
CA VAL A 220 10.90 -7.90 -21.32
C VAL A 220 12.38 -7.69 -21.04
N GLU A 221 12.78 -7.93 -19.79
CA GLU A 221 14.18 -7.85 -19.39
C GLU A 221 14.61 -9.22 -18.88
N ILE A 222 15.60 -9.81 -19.55
CA ILE A 222 16.11 -11.12 -19.19
C ILE A 222 17.41 -10.93 -18.41
N LYS A 223 17.90 -12.02 -17.83
CA LYS A 223 19.16 -11.97 -17.10
C LYS A 223 19.75 -13.37 -17.03
N GLY A 224 21.06 -13.45 -17.26
CA GLY A 224 21.78 -14.70 -17.24
C GLY A 224 22.53 -14.93 -18.54
N LYS A 225 23.07 -16.14 -18.67
CA LYS A 225 23.82 -16.52 -19.86
C LYS A 225 22.84 -16.73 -21.01
N ASP A 226 22.47 -15.62 -21.65
CA ASP A 226 21.52 -15.63 -22.76
C ASP A 226 21.83 -16.76 -23.74
N ILE A 230 18.61 -17.18 -26.52
CA ILE A 230 18.46 -15.74 -26.50
C ILE A 230 17.19 -15.34 -27.26
N THR A 231 16.20 -16.23 -27.26
CA THR A 231 14.95 -16.02 -27.97
C THR A 231 13.84 -15.69 -26.98
N CYS A 232 12.98 -14.75 -27.34
CA CYS A 232 11.90 -14.28 -26.48
C CYS A 232 10.59 -14.30 -27.26
N LYS A 233 9.56 -14.88 -26.66
CA LYS A 233 8.24 -15.01 -27.27
C LYS A 233 7.17 -14.54 -26.29
N VAL A 234 6.16 -13.84 -26.80
CA VAL A 234 5.07 -13.32 -25.99
C VAL A 234 3.75 -13.66 -26.66
N GLU A 235 2.76 -14.03 -25.85
CA GLU A 235 1.45 -14.42 -26.33
C GLU A 235 0.37 -13.69 -25.53
N LEU A 236 -0.67 -13.23 -26.22
CA LEU A 236 -1.76 -12.48 -25.59
C LEU A 236 -3.01 -13.34 -25.56
N PHE A 237 -3.68 -13.34 -24.40
CA PHE A 237 -4.94 -14.05 -24.21
C PHE A 237 -5.95 -13.09 -23.61
N ASP A 238 -7.23 -13.48 -23.69
CA ASP A 238 -8.30 -12.65 -23.18
C ASP A 238 -8.82 -13.21 -21.86
N GLU A 239 -10.02 -12.78 -21.45
CA GLU A 239 -10.57 -13.17 -20.15
C GLU A 239 -10.72 -14.69 -20.07
N GLU A 240 -11.44 -15.28 -21.03
CA GLU A 240 -11.66 -16.73 -20.98
C GLU A 240 -10.36 -17.51 -21.06
N GLY A 241 -9.40 -17.03 -21.84
CA GLY A 241 -8.14 -17.72 -22.02
C GLY A 241 -7.82 -17.96 -23.48
N THR A 242 -8.70 -17.49 -24.35
CA THR A 242 -8.49 -17.63 -25.79
C THR A 242 -7.32 -16.76 -26.24
N LYS A 243 -6.50 -17.30 -27.14
CA LYS A 243 -5.38 -16.55 -27.67
C LYS A 243 -5.87 -15.46 -28.63
N LEU A 244 -5.05 -14.42 -28.77
CA LEU A 244 -5.47 -13.26 -29.56
C LEU A 244 -4.37 -12.81 -30.52
N SER A 245 -3.11 -12.91 -30.13
CA SER A 245 -2.02 -12.45 -30.96
C SER A 245 -0.71 -13.01 -30.43
N GLU A 246 0.37 -12.75 -31.16
CA GLU A 246 1.69 -13.21 -30.79
C GLU A 246 2.72 -12.21 -31.30
N THR A 247 3.87 -12.16 -30.62
CA THR A 247 4.93 -11.22 -30.96
C THR A 247 6.28 -11.83 -30.58
N GLU A 248 7.33 -11.39 -31.27
CA GLU A 248 8.69 -11.85 -31.04
C GLU A 248 9.55 -10.70 -30.53
N GLY A 249 10.62 -11.06 -29.82
CA GLY A 249 11.62 -10.11 -29.41
C GLY A 249 11.39 -9.60 -27.98
N SER A 250 12.44 -8.99 -27.43
CA SER A 250 12.37 -8.39 -26.10
C SER A 250 11.43 -7.18 -26.05
N GLU A 251 11.00 -6.67 -27.20
CA GLU A 251 10.06 -5.57 -27.25
C GLU A 251 9.09 -5.80 -28.40
N GLY A 252 7.91 -5.22 -28.28
CA GLY A 252 6.89 -5.37 -29.30
C GLY A 252 5.61 -4.67 -28.89
N THR A 253 4.58 -4.86 -29.72
CA THR A 253 3.30 -4.21 -29.49
C THR A 253 2.17 -5.19 -29.80
N PHE A 254 0.95 -4.77 -29.49
CA PHE A 254 -0.26 -5.53 -29.78
C PHE A 254 -1.35 -4.58 -30.24
N GLU A 255 -2.04 -4.94 -31.32
CA GLU A 255 -3.17 -4.15 -31.82
C GLU A 255 -4.45 -4.82 -31.34
N ILE A 256 -5.19 -4.12 -30.48
CA ILE A 256 -6.44 -4.67 -29.95
C ILE A 256 -7.62 -3.85 -30.45
N SER A 257 -8.20 -4.26 -31.57
CA SER A 257 -9.44 -3.67 -32.05
C SER A 257 -10.60 -4.26 -31.27
N ASN A 258 -11.48 -3.40 -30.77
CA ASN A 258 -12.56 -3.81 -29.88
C ASN A 258 -12.02 -4.15 -28.49
N VAL A 259 -11.02 -3.39 -28.03
CA VAL A 259 -10.41 -3.66 -26.74
C VAL A 259 -11.44 -3.50 -25.64
N ARG A 260 -11.39 -4.42 -24.67
CA ARG A 260 -12.29 -4.37 -23.51
C ARG A 260 -11.57 -3.62 -22.39
N LEU A 261 -11.99 -2.38 -22.14
CA LEU A 261 -11.30 -1.50 -21.22
C LEU A 261 -11.59 -1.89 -19.77
N TRP A 262 -10.54 -2.05 -18.99
CA TRP A 262 -10.68 -2.16 -17.54
C TRP A 262 -11.40 -0.91 -17.03
N GLN A 263 -12.44 -1.13 -16.23
CA GLN A 263 -13.24 -0.03 -15.73
C GLN A 263 -13.46 -0.17 -14.23
N PRO A 264 -13.65 0.95 -13.53
CA PRO A 264 -13.96 0.87 -12.09
C PRO A 264 -15.26 0.12 -11.87
N LEU A 265 -15.19 -0.93 -11.05
CA LEU A 265 -16.30 -1.80 -10.71
C LEU A 265 -16.75 -2.67 -11.88
N ASN A 266 -16.13 -2.53 -13.06
CA ASN A 266 -16.41 -3.35 -14.24
C ASN A 266 -15.06 -3.73 -14.85
N ALA A 267 -14.31 -4.55 -14.12
CA ALA A 267 -12.94 -4.87 -14.50
C ALA A 267 -12.91 -5.86 -15.65
N TYR A 268 -11.80 -5.82 -16.40
CA TYR A 268 -11.53 -6.81 -17.44
C TYR A 268 -10.01 -6.90 -17.59
N LEU A 269 -9.47 -8.10 -17.44
CA LEU A 269 -8.04 -8.32 -17.46
C LEU A 269 -7.69 -9.29 -18.57
N TYR A 270 -6.76 -8.89 -19.43
CA TYR A 270 -6.18 -9.80 -20.41
C TYR A 270 -5.04 -10.59 -19.78
N LYS A 271 -4.72 -11.72 -20.41
CA LYS A 271 -3.58 -12.53 -20.01
C LYS A 271 -2.43 -12.34 -20.99
N ILE A 272 -1.21 -12.42 -20.48
CA ILE A 272 -0.01 -12.22 -21.28
C ILE A 272 0.99 -13.31 -20.90
N LYS A 273 1.29 -14.20 -21.85
CA LYS A 273 2.19 -15.33 -21.62
C LYS A 273 3.48 -15.08 -22.39
N VAL A 274 4.56 -14.78 -21.67
CA VAL A 274 5.86 -14.53 -22.25
C VAL A 274 6.71 -15.78 -22.12
N THR A 275 7.10 -16.36 -23.24
CA THR A 275 7.95 -17.55 -23.28
C THR A 275 9.34 -17.12 -23.71
N ALA A 276 10.28 -17.12 -22.77
CA ALA A 276 11.66 -16.70 -23.01
C ALA A 276 12.59 -17.86 -22.67
N GLY A 277 13.25 -18.42 -23.68
CA GLY A 277 14.14 -19.54 -23.45
C GLY A 277 13.39 -20.69 -22.83
N GLN A 278 13.87 -21.15 -21.67
CA GLN A 278 13.23 -22.21 -20.91
C GLN A 278 12.44 -21.69 -19.72
N ASP A 279 11.83 -20.51 -19.86
CA ASP A 279 11.10 -19.88 -18.77
C ASP A 279 9.85 -19.20 -19.31
N VAL A 280 8.75 -19.30 -18.56
CA VAL A 280 7.49 -18.69 -18.93
C VAL A 280 6.93 -17.96 -17.72
N TYR A 281 6.17 -16.90 -17.98
CA TYR A 281 5.54 -16.11 -16.93
C TYR A 281 4.32 -15.42 -17.53
N THR A 282 3.21 -15.45 -16.79
CA THR A 282 1.96 -14.85 -17.23
C THR A 282 1.64 -13.63 -16.38
N LEU A 283 0.94 -12.68 -17.00
CA LEU A 283 0.65 -11.41 -16.34
C LEU A 283 -0.74 -10.90 -16.74
N PRO A 284 -1.64 -10.66 -15.79
CA PRO A 284 -2.91 -10.03 -16.12
C PRO A 284 -2.76 -8.52 -16.24
N TYR A 285 -3.25 -7.97 -17.35
CA TYR A 285 -3.15 -6.54 -17.64
C TYR A 285 -4.53 -5.98 -17.91
N GLY A 286 -4.73 -4.74 -17.47
CA GLY A 286 -5.99 -4.04 -17.65
C GLY A 286 -5.77 -2.79 -18.50
N VAL A 287 -6.52 -2.71 -19.59
CA VAL A 287 -6.42 -1.60 -20.54
C VAL A 287 -7.28 -0.46 -20.02
N ARG A 288 -6.64 0.60 -19.55
CA ARG A 288 -7.35 1.79 -19.08
C ARG A 288 -6.39 2.98 -19.15
N SER A 289 -6.98 4.16 -19.27
CA SER A 289 -6.23 5.41 -19.33
C SER A 289 -6.53 6.26 -18.11
N VAL A 290 -5.51 6.98 -17.63
CA VAL A 290 -5.65 7.89 -16.49
C VAL A 290 -5.05 9.23 -16.89
N ARG A 291 -5.80 10.30 -16.68
CA ARG A 291 -5.34 11.63 -17.08
C ARG A 291 -6.12 12.69 -16.32
N VAL A 292 -5.40 13.68 -15.80
CA VAL A 292 -6.01 14.82 -15.14
C VAL A 292 -6.18 15.94 -16.15
N ASP A 293 -7.36 16.57 -16.14
CA ASP A 293 -7.68 17.63 -17.09
C ASP A 293 -8.40 18.75 -16.33
N GLY A 294 -7.65 19.78 -15.95
CA GLY A 294 -8.20 20.88 -15.19
C GLY A 294 -8.58 20.48 -13.78
N THR A 295 -9.87 20.46 -13.48
CA THR A 295 -10.39 19.98 -12.21
C THR A 295 -11.14 18.67 -12.37
N LYS A 296 -10.72 17.84 -13.32
CA LYS A 296 -11.39 16.58 -13.63
C LYS A 296 -10.37 15.45 -13.63
N PHE A 297 -10.64 14.41 -12.84
CA PHE A 297 -9.84 13.20 -12.85
C PHE A 297 -10.47 12.22 -13.84
N LEU A 298 -9.76 11.93 -14.92
CA LEU A 298 -10.30 11.17 -16.03
C LEU A 298 -9.76 9.74 -16.00
N ILE A 299 -10.68 8.78 -15.96
CA ILE A 299 -10.35 7.36 -16.16
C ILE A 299 -11.02 6.93 -17.45
N ASN A 300 -10.22 6.44 -18.40
CA ASN A 300 -10.72 6.11 -19.74
C ASN A 300 -11.41 7.33 -20.36
N GLU A 301 -10.89 8.52 -20.07
CA GLU A 301 -11.38 9.77 -20.66
C GLU A 301 -12.80 10.10 -20.20
N LYS A 302 -13.07 9.87 -18.92
CA LYS A 302 -14.37 10.18 -18.33
C LYS A 302 -14.16 10.79 -16.95
N PRO A 303 -15.05 11.69 -16.52
CA PRO A 303 -14.86 12.37 -15.24
C PRO A 303 -15.21 11.48 -14.05
N PHE A 304 -14.19 10.96 -13.39
CA PHE A 304 -14.36 10.00 -12.30
C PHE A 304 -14.50 10.72 -10.96
N TYR A 305 -15.26 10.09 -10.06
CA TYR A 305 -15.43 10.60 -8.70
C TYR A 305 -15.09 9.49 -7.72
N PHE A 306 -14.13 9.75 -6.84
CA PHE A 306 -13.68 8.75 -5.88
C PHE A 306 -14.75 8.52 -4.82
N LYS A 307 -15.10 7.25 -4.61
CA LYS A 307 -15.98 6.84 -3.53
C LYS A 307 -15.29 5.73 -2.76
N GLY A 308 -14.99 5.98 -1.48
CA GLY A 308 -14.32 4.98 -0.67
C GLY A 308 -13.84 5.52 0.66
N TYR A 309 -12.63 5.15 1.03
CA TYR A 309 -12.08 5.46 2.35
C TYR A 309 -10.64 5.00 2.40
N GLY A 310 -9.87 5.62 3.29
CA GLY A 310 -8.54 5.14 3.59
C GLY A 310 -8.62 3.91 4.48
N LYS A 311 -7.89 2.87 4.10
CA LYS A 311 -7.90 1.62 4.84
C LYS A 311 -6.59 1.42 5.59
N HIS A 312 -6.57 0.37 6.40
CA HIS A 312 -5.36 -0.14 7.02
C HIS A 312 -5.27 -1.64 6.75
N GLU A 313 -4.06 -2.16 6.79
CA GLU A 313 -3.86 -3.61 6.84
C GLU A 313 -3.79 -4.00 8.31
N ASP A 314 -4.97 -4.13 8.92
CA ASP A 314 -5.10 -4.32 10.35
C ASP A 314 -6.26 -5.25 10.64
N THR A 315 -5.96 -6.42 11.18
CA THR A 315 -6.97 -7.36 11.63
C THR A 315 -6.50 -7.99 12.94
N PHE A 316 -7.44 -8.66 13.62
CA PHE A 316 -7.09 -9.29 14.88
C PHE A 316 -7.15 -10.81 14.76
N PRO A 317 -6.16 -11.52 15.29
CA PRO A 317 -4.96 -11.02 15.97
C PRO A 317 -3.78 -10.90 15.02
N ASN A 318 -4.03 -10.96 13.71
CA ASN A 318 -2.95 -10.93 12.73
C ASN A 318 -2.12 -9.66 12.83
N GLY A 319 -2.68 -8.58 13.36
CA GLY A 319 -1.97 -7.30 13.34
C GLY A 319 -1.87 -6.80 11.91
N ARG A 320 -0.64 -6.51 11.48
CA ARG A 320 -0.40 -6.08 10.11
C ARG A 320 -0.27 -7.26 9.14
N GLY A 321 -0.25 -8.50 9.66
CA GLY A 321 0.00 -9.64 8.80
C GLY A 321 -1.07 -9.83 7.74
N ILE A 322 -0.65 -10.42 6.62
CA ILE A 322 -1.56 -10.65 5.50
C ILE A 322 -2.78 -11.44 5.94
N ASN A 323 -3.90 -11.25 5.21
CA ASN A 323 -5.19 -11.86 5.59
C ASN A 323 -6.09 -11.87 4.35
N LEU A 324 -5.83 -12.83 3.47
CA LEU A 324 -6.59 -12.93 2.24
C LEU A 324 -8.09 -13.05 2.47
N PRO A 325 -8.59 -13.83 3.42
CA PRO A 325 -10.05 -13.87 3.61
C PRO A 325 -10.66 -12.50 3.92
N MET A 326 -10.03 -11.73 4.81
CA MET A 326 -10.56 -10.41 5.13
C MET A 326 -10.52 -9.48 3.93
N ASN A 327 -9.47 -9.60 3.11
CA ASN A 327 -9.39 -8.79 1.90
C ASN A 327 -10.61 -9.03 1.00
N THR A 328 -10.97 -10.29 0.79
CA THR A 328 -12.14 -10.58 -0.02
C THR A 328 -13.41 -10.10 0.65
N LYS A 329 -13.48 -10.19 1.98
CA LYS A 329 -14.65 -9.68 2.68
C LYS A 329 -14.75 -8.16 2.58
N ASP A 330 -13.63 -7.47 2.74
CA ASP A 330 -13.63 -6.01 2.62
C ASP A 330 -14.09 -5.58 1.24
N ILE A 331 -13.58 -6.22 0.18
CA ILE A 331 -14.00 -5.89 -1.17
C ILE A 331 -15.47 -6.21 -1.37
N SER A 332 -15.97 -7.25 -0.69
CA SER A 332 -17.41 -7.49 -0.70
C SER A 332 -18.16 -6.36 0.00
N ILE A 333 -17.71 -5.98 1.19
CA ILE A 333 -18.34 -4.87 1.90
C ILE A 333 -18.30 -3.60 1.06
N MET A 334 -17.21 -3.39 0.33
CA MET A 334 -17.09 -2.20 -0.52
C MET A 334 -18.16 -2.21 -1.61
N LYS A 335 -18.16 -3.25 -2.45
CA LYS A 335 -19.19 -3.35 -3.48
C LYS A 335 -20.58 -3.34 -2.88
N TRP A 336 -20.75 -3.91 -1.69
CA TRP A 336 -22.01 -3.79 -0.97
C TRP A 336 -22.34 -2.33 -0.70
N GLN A 337 -21.34 -1.54 -0.29
CA GLN A 337 -21.54 -0.15 0.09
C GLN A 337 -21.56 0.80 -1.10
N HIS A 338 -21.22 0.32 -2.29
CA HIS A 338 -21.22 1.15 -3.50
C HIS A 338 -20.01 2.08 -3.52
N ALA A 339 -18.87 1.60 -3.04
CA ALA A 339 -17.62 2.32 -3.14
C ALA A 339 -16.91 1.90 -4.43
N ASN A 340 -15.74 2.50 -4.68
CA ASN A 340 -15.02 2.20 -5.91
C ASN A 340 -13.51 2.37 -5.74
N SER A 341 -13.08 2.87 -4.58
CA SER A 341 -11.67 3.22 -4.43
C SER A 341 -11.30 3.18 -2.96
N PHE A 342 -10.01 2.98 -2.72
CA PHE A 342 -9.43 3.17 -1.39
C PHE A 342 -7.96 3.55 -1.56
N ARG A 343 -7.36 4.01 -0.47
CA ARG A 343 -5.97 4.42 -0.45
C ARG A 343 -5.19 3.51 0.49
N THR A 344 -4.10 2.92 -0.02
CA THR A 344 -3.25 2.04 0.79
C THR A 344 -2.61 2.91 1.88
N SER A 345 -3.42 3.25 2.88
CA SER A 345 -3.05 4.30 3.82
C SER A 345 -1.76 3.97 4.55
N HIS A 346 -0.76 4.83 4.36
CA HIS A 346 0.45 4.94 5.18
C HIS A 346 1.45 3.83 4.96
N TYR A 347 1.24 2.98 3.94
CA TYR A 347 2.21 1.95 3.57
C TYR A 347 1.66 1.14 2.40
N PRO A 348 2.54 0.59 1.55
CA PRO A 348 2.06 -0.26 0.46
C PRO A 348 1.45 -1.55 1.01
N TYR A 349 0.40 -2.02 0.35
CA TYR A 349 -0.29 -3.23 0.78
C TYR A 349 0.35 -4.46 0.14
N SER A 350 -0.23 -5.61 0.44
CA SER A 350 0.27 -6.87 -0.10
C SER A 350 0.08 -6.92 -1.61
N GLU A 351 0.90 -7.74 -2.26
CA GLU A 351 0.72 -7.97 -3.68
C GLU A 351 -0.64 -8.61 -3.97
N GLU A 352 -1.06 -9.55 -3.11
CA GLU A 352 -2.34 -10.23 -3.31
C GLU A 352 -3.49 -9.23 -3.36
N MET A 353 -3.48 -8.22 -2.49
CA MET A 353 -4.58 -7.27 -2.45
C MET A 353 -4.58 -6.40 -3.70
N MET A 354 -3.40 -6.05 -4.22
CA MET A 354 -3.33 -5.30 -5.47
C MET A 354 -3.90 -6.09 -6.62
N ARG A 355 -3.46 -7.35 -6.76
CA ARG A 355 -3.99 -8.20 -7.83
C ARG A 355 -5.49 -8.39 -7.70
N LEU A 356 -5.98 -8.50 -6.46
CA LEU A 356 -7.42 -8.66 -6.25
C LEU A 356 -8.18 -7.43 -6.73
N CYS A 357 -7.62 -6.24 -6.52
CA CYS A 357 -8.27 -5.03 -7.01
C CYS A 357 -8.29 -4.98 -8.53
N ASP A 358 -7.30 -5.61 -9.18
CA ASP A 358 -7.37 -5.76 -10.63
C ASP A 358 -8.52 -6.67 -11.03
N GLU A 359 -8.65 -7.82 -10.37
CA GLU A 359 -9.74 -8.74 -10.66
C GLU A 359 -11.10 -8.09 -10.36
N GLU A 360 -11.22 -7.47 -9.19
CA GLU A 360 -12.50 -6.94 -8.73
C GLU A 360 -12.78 -5.53 -9.22
N GLY A 361 -11.80 -4.86 -9.85
CA GLY A 361 -12.03 -3.53 -10.38
C GLY A 361 -12.19 -2.46 -9.32
N ILE A 362 -11.19 -2.33 -8.44
CA ILE A 362 -11.20 -1.35 -7.36
C ILE A 362 -10.10 -0.34 -7.62
N VAL A 363 -10.47 0.95 -7.61
CA VAL A 363 -9.50 2.01 -7.80
C VAL A 363 -8.64 2.13 -6.54
N VAL A 364 -7.33 2.20 -6.73
CA VAL A 364 -6.38 2.19 -5.63
C VAL A 364 -5.45 3.39 -5.76
N ILE A 365 -5.15 4.03 -4.63
CA ILE A 365 -4.15 5.08 -4.55
C ILE A 365 -2.96 4.50 -3.82
N ASP A 366 -1.95 4.07 -4.57
CA ASP A 366 -0.77 3.44 -3.98
C ASP A 366 0.04 4.49 -3.23
N GLU A 367 0.27 4.25 -1.94
CA GLU A 367 0.98 5.18 -1.08
C GLU A 367 2.22 4.52 -0.49
N THR A 368 3.25 5.33 -0.26
CA THR A 368 4.51 4.86 0.30
C THR A 368 4.43 4.81 1.83
N THR A 369 5.53 4.37 2.43
CA THR A 369 5.64 4.32 3.89
C THR A 369 6.01 5.66 4.50
N ALA A 370 6.03 6.73 3.71
CA ALA A 370 6.53 8.03 4.16
C ALA A 370 5.48 8.76 4.99
N VAL A 371 5.26 8.23 6.19
CA VAL A 371 4.40 8.88 7.17
C VAL A 371 5.24 9.19 8.41
N GLY A 372 4.92 10.30 9.05
CA GLY A 372 5.67 10.75 10.21
C GLY A 372 6.76 11.75 9.91
N VAL A 373 6.83 12.26 8.68
CA VAL A 373 7.84 13.26 8.31
C VAL A 373 7.31 14.63 8.70
N ASN A 374 7.18 14.88 10.00
CA ASN A 374 6.54 16.10 10.49
C ASN A 374 6.99 16.36 11.92
N LEU A 375 7.39 17.61 12.20
CA LEU A 375 7.93 17.99 13.51
C LEU A 375 8.97 17.00 14.00
N GLY A 385 17.68 22.72 23.52
CA GLY A 385 16.91 23.82 24.08
C GLY A 385 16.29 24.71 23.02
N GLU A 386 15.50 24.10 22.14
CA GLU A 386 14.85 24.82 21.05
C GLU A 386 14.07 23.83 20.22
N ARG A 387 13.05 24.33 19.53
CA ARG A 387 12.20 23.50 18.68
C ARG A 387 12.87 23.33 17.33
N ILE A 388 13.25 22.09 17.00
CA ILE A 388 13.90 21.80 15.72
C ILE A 388 12.86 21.82 14.62
N GLY A 389 13.31 21.89 13.37
CA GLY A 389 12.44 21.88 12.22
C GLY A 389 12.47 20.54 11.51
N THR A 390 11.35 20.19 10.87
CA THR A 390 11.23 18.90 10.21
C THR A 390 12.46 18.61 9.34
N PHE A 391 12.74 19.49 8.38
CA PHE A 391 13.80 19.28 7.41
C PHE A 391 15.10 19.98 7.82
N ASP A 392 15.31 20.17 9.12
CA ASP A 392 16.61 20.62 9.61
C ASP A 392 17.69 19.70 9.11
N LYS A 393 18.74 20.28 8.52
CA LYS A 393 19.73 19.48 7.82
C LYS A 393 20.54 18.60 8.76
N GLU A 394 20.70 19.01 10.02
CA GLU A 394 21.51 18.27 10.98
C GLU A 394 20.69 17.52 12.02
N HIS A 395 19.63 18.14 12.56
CA HIS A 395 18.83 17.51 13.59
C HIS A 395 17.39 17.34 13.12
N GLY A 396 17.21 16.71 11.97
CA GLY A 396 15.88 16.49 11.41
C GLY A 396 15.73 15.14 10.75
N VAL A 397 14.68 14.99 9.94
CA VAL A 397 14.43 13.71 9.29
C VAL A 397 15.60 13.38 8.36
N GLN A 398 16.14 12.17 8.50
CA GLN A 398 17.21 11.69 7.64
C GLN A 398 16.68 10.59 6.74
N THR A 399 15.62 10.89 5.99
CA THR A 399 14.82 9.86 5.33
C THR A 399 14.77 9.96 3.82
N GLN A 400 15.26 11.05 3.22
CA GLN A 400 15.06 11.24 1.79
C GLN A 400 15.72 10.13 0.98
N GLU A 401 16.89 9.66 1.41
CA GLU A 401 17.56 8.58 0.69
C GLU A 401 16.68 7.33 0.64
N HIS A 402 16.33 6.79 1.81
CA HIS A 402 15.41 5.65 1.85
C HIS A 402 14.08 6.01 1.21
N HIS A 403 13.63 7.25 1.39
CA HIS A 403 12.37 7.67 0.78
C HIS A 403 12.41 7.50 -0.74
N LYS A 404 13.55 7.77 -1.36
CA LYS A 404 13.67 7.57 -2.80
C LYS A 404 13.64 6.08 -3.15
N ASP A 405 14.31 5.25 -2.34
CA ASP A 405 14.25 3.81 -2.55
C ASP A 405 12.81 3.32 -2.60
N VAL A 406 12.02 3.67 -1.59
CA VAL A 406 10.63 3.20 -1.52
C VAL A 406 9.87 3.60 -2.77
N ILE A 407 10.01 4.87 -3.18
CA ILE A 407 9.38 5.31 -4.43
C ILE A 407 9.90 4.47 -5.59
N ARG A 408 11.17 4.08 -5.54
CA ARG A 408 11.73 3.22 -6.57
C ARG A 408 11.11 1.83 -6.52
N ASP A 409 11.14 1.19 -5.35
CA ASP A 409 10.67 -0.19 -5.24
C ASP A 409 9.16 -0.28 -5.36
N LEU A 410 8.43 0.74 -4.88
CA LEU A 410 6.97 0.69 -4.96
C LEU A 410 6.50 0.65 -6.40
N ILE A 411 7.04 1.53 -7.25
CA ILE A 411 6.60 1.58 -8.64
C ILE A 411 7.13 0.37 -9.41
N SER A 412 8.34 -0.09 -9.08
CA SER A 412 8.86 -1.29 -9.73
C SER A 412 7.94 -2.49 -9.50
N ARG A 413 7.17 -2.48 -8.43
CA ARG A 413 6.29 -3.60 -8.09
C ARG A 413 4.91 -3.45 -8.71
N ASP A 414 4.25 -2.31 -8.48
CA ASP A 414 2.86 -2.12 -8.88
C ASP A 414 2.71 -1.33 -10.17
N LYS A 415 3.79 -1.17 -10.95
CA LYS A 415 3.73 -0.34 -12.15
C LYS A 415 2.67 -0.81 -13.14
N ASN A 416 2.40 -2.12 -13.18
CA ASN A 416 1.50 -2.69 -14.18
C ASN A 416 0.08 -2.86 -13.68
N HIS A 417 -0.22 -2.44 -12.46
CA HIS A 417 -1.56 -2.62 -11.90
C HIS A 417 -2.49 -1.56 -12.45
N ALA A 418 -3.45 -1.98 -13.28
CA ALA A 418 -4.44 -1.06 -13.83
C ALA A 418 -5.32 -0.43 -12.75
N CYS A 419 -5.28 -0.94 -11.53
CA CYS A 419 -6.08 -0.35 -10.45
C CYS A 419 -5.40 0.87 -9.83
N VAL A 420 -4.07 0.91 -9.87
CA VAL A 420 -3.31 2.04 -9.34
C VAL A 420 -3.43 3.20 -10.33
N VAL A 421 -4.18 4.24 -9.96
CA VAL A 421 -4.41 5.39 -10.81
C VAL A 421 -3.71 6.64 -10.30
N MET A 422 -2.85 6.51 -9.29
CA MET A 422 -2.17 7.65 -8.73
C MET A 422 -1.20 7.22 -7.62
N TRP A 423 -0.14 8.00 -7.40
CA TRP A 423 0.83 7.73 -6.37
C TRP A 423 0.75 8.79 -5.28
N SER A 424 0.98 8.36 -4.04
CA SER A 424 1.00 9.25 -2.88
C SER A 424 2.40 9.20 -2.27
N ILE A 425 3.16 10.29 -2.42
CA ILE A 425 4.55 10.29 -1.99
C ILE A 425 4.65 10.23 -0.47
N ALA A 426 3.72 10.85 0.25
CA ALA A 426 3.78 10.86 1.70
C ALA A 426 2.42 11.24 2.26
N ASN A 427 2.18 10.83 3.51
CA ASN A 427 0.96 11.16 4.22
C ASN A 427 1.26 12.20 5.29
N GLU A 428 0.50 13.28 5.28
CA GLU A 428 0.58 14.37 6.24
C GLU A 428 2.02 14.70 6.65
N PRO A 429 2.88 15.06 5.69
CA PRO A 429 4.20 15.57 6.03
C PRO A 429 4.15 17.06 6.32
N ASP A 430 5.27 17.59 6.78
CA ASP A 430 5.40 19.02 7.05
C ASP A 430 5.59 19.78 5.74
N SER A 431 4.59 19.68 4.87
CA SER A 431 4.68 20.14 3.49
C SER A 431 4.58 21.65 3.35
N ALA A 432 4.40 22.40 4.45
CA ALA A 432 4.35 23.85 4.40
C ALA A 432 5.41 24.48 5.29
N ALA A 433 6.57 23.82 5.41
CA ALA A 433 7.67 24.31 6.22
C ALA A 433 8.91 24.50 5.36
N GLU A 434 9.85 25.29 5.86
CA GLU A 434 11.09 25.52 5.13
C GLU A 434 11.79 24.20 4.86
N GLY A 435 12.45 24.14 3.70
CA GLY A 435 13.08 22.91 3.24
C GLY A 435 12.14 21.84 2.78
N ALA A 436 10.83 21.99 3.00
CA ALA A 436 9.88 20.98 2.58
C ALA A 436 9.89 20.79 1.07
N TYR A 437 9.69 21.89 0.33
CA TYR A 437 9.69 21.81 -1.12
C TYR A 437 10.97 21.17 -1.66
N ASP A 438 12.12 21.61 -1.13
CA ASP A 438 13.38 21.02 -1.56
C ASP A 438 13.43 19.52 -1.29
N TYR A 439 12.72 19.07 -0.25
CA TYR A 439 12.76 17.65 0.11
C TYR A 439 11.94 16.80 -0.87
N PHE A 440 10.77 17.28 -1.27
CA PHE A 440 9.85 16.50 -2.09
C PHE A 440 10.11 16.61 -3.59
N LYS A 441 10.57 17.77 -4.06
CA LYS A 441 10.79 17.96 -5.49
C LYS A 441 11.54 16.81 -6.14
N PRO A 442 12.70 16.37 -5.65
CA PRO A 442 13.36 15.21 -6.25
C PRO A 442 12.53 13.94 -6.15
N LEU A 443 11.68 13.82 -5.11
CA LEU A 443 10.86 12.63 -4.98
C LEU A 443 9.74 12.61 -6.02
N TYR A 444 9.05 13.74 -6.19
CA TYR A 444 8.06 13.85 -7.25
C TYR A 444 8.68 13.53 -8.61
N ASP A 445 9.85 14.10 -8.89
CA ASP A 445 10.52 13.87 -10.16
C ASP A 445 10.85 12.39 -10.34
N LEU A 446 11.50 11.79 -9.34
CA LEU A 446 11.82 10.36 -9.42
C LEU A 446 10.57 9.54 -9.66
N ALA A 447 9.45 9.91 -9.03
CA ALA A 447 8.21 9.17 -9.24
C ALA A 447 7.73 9.29 -10.67
N ARG A 448 7.67 10.52 -11.20
CA ARG A 448 7.19 10.72 -12.56
C ARG A 448 8.15 10.18 -13.61
N GLU A 449 9.44 10.06 -13.28
CA GLU A 449 10.41 9.51 -14.21
C GLU A 449 10.46 7.98 -14.18
N LEU A 450 9.88 7.36 -13.16
CA LEU A 450 9.89 5.89 -13.04
C LEU A 450 8.59 5.24 -13.46
N ASP A 451 7.46 5.94 -13.40
CA ASP A 451 6.18 5.35 -13.75
C ASP A 451 6.06 5.22 -15.26
N PRO A 452 6.11 4.00 -15.81
CA PRO A 452 5.93 3.84 -17.26
C PRO A 452 4.64 4.46 -17.78
N GLN A 453 3.60 4.51 -16.96
CA GLN A 453 2.32 5.08 -17.37
C GLN A 453 2.21 6.57 -17.07
N LYS A 454 3.17 7.15 -16.37
CA LYS A 454 3.16 8.57 -16.03
C LYS A 454 1.82 8.96 -15.39
N ARG A 455 1.56 8.37 -14.24
CA ARG A 455 0.30 8.57 -13.55
C ARG A 455 0.38 9.76 -12.61
N PRO A 456 -0.78 10.31 -12.22
CA PRO A 456 -0.78 11.46 -11.31
C PRO A 456 0.01 11.19 -10.05
N CYS A 457 0.55 12.26 -9.46
CA CYS A 457 1.28 12.20 -8.21
C CYS A 457 0.70 13.22 -7.25
N THR A 458 0.74 12.89 -5.95
CA THR A 458 0.21 13.78 -4.93
C THR A 458 0.84 13.44 -3.59
N LEU A 459 0.48 14.21 -2.58
CA LEU A 459 0.80 13.92 -1.19
C LEU A 459 -0.38 14.36 -0.34
N VAL A 460 -0.64 13.61 0.73
CA VAL A 460 -1.80 13.87 1.57
C VAL A 460 -1.47 15.02 2.53
N SER A 461 -2.25 16.10 2.43
CA SER A 461 -1.94 17.34 3.13
C SER A 461 -2.55 17.34 4.52
N VAL A 462 -1.70 17.44 5.54
CA VAL A 462 -2.19 17.51 6.92
C VAL A 462 -3.04 18.77 7.09
N GLN A 463 -3.94 18.72 8.07
CA GLN A 463 -4.73 19.89 8.39
C GLN A 463 -3.82 21.04 8.84
N GLY A 464 -4.19 22.26 8.48
CA GLY A 464 -3.41 23.44 8.74
C GLY A 464 -2.82 24.07 7.50
N THR A 465 -2.54 23.27 6.47
CA THR A 465 -2.03 23.80 5.22
C THR A 465 -3.12 24.53 4.47
N THR A 466 -2.69 25.48 3.63
CA THR A 466 -3.58 26.21 2.74
C THR A 466 -3.03 26.11 1.32
N ALA A 467 -3.85 26.53 0.35
CA ALA A 467 -3.41 26.52 -1.03
C ALA A 467 -2.11 27.30 -1.22
N ASP A 468 -1.94 28.39 -0.45
CA ASP A 468 -0.77 29.25 -0.62
C ASP A 468 0.47 28.69 0.07
N THR A 469 0.31 27.96 1.16
CA THR A 469 1.43 27.47 1.95
C THR A 469 1.87 26.06 1.59
N ASP A 470 0.96 25.24 1.07
CA ASP A 470 1.25 23.84 0.82
C ASP A 470 2.09 23.70 -0.45
N CYS A 471 3.31 23.19 -0.30
CA CYS A 471 4.13 22.91 -1.49
C CYS A 471 3.51 21.88 -2.39
N SER A 472 2.46 21.19 -1.94
CA SER A 472 1.71 20.29 -2.80
C SER A 472 0.93 21.04 -3.86
N SER A 473 0.67 22.33 -3.66
CA SER A 473 -0.06 23.12 -4.65
C SER A 473 0.67 23.13 -5.98
N GLN A 474 2.00 23.17 -5.96
CA GLN A 474 2.78 23.18 -7.20
C GLN A 474 3.22 21.77 -7.61
N LEU A 475 3.60 20.93 -6.64
CA LEU A 475 4.20 19.64 -6.97
C LEU A 475 3.17 18.61 -7.41
N SER A 476 1.94 18.68 -6.90
CA SER A 476 0.97 17.61 -7.06
C SER A 476 0.00 17.88 -8.21
N ASP A 477 -0.43 16.81 -8.86
CA ASP A 477 -1.45 16.88 -9.90
C ASP A 477 -2.85 16.94 -9.29
N VAL A 478 -3.05 16.30 -8.14
CA VAL A 478 -4.33 16.31 -7.45
C VAL A 478 -4.09 16.70 -6.00
N ILE A 479 -4.98 17.53 -5.46
CA ILE A 479 -4.89 17.96 -4.07
C ILE A 479 -5.67 16.97 -3.21
N CYS A 480 -4.99 16.37 -2.23
CA CYS A 480 -5.58 15.39 -1.33
C CYS A 480 -5.52 15.94 0.08
N LEU A 481 -6.68 16.23 0.67
CA LEU A 481 -6.76 16.88 1.97
C LEU A 481 -7.13 15.88 3.06
N ASN A 482 -6.58 16.11 4.25
CA ASN A 482 -6.92 15.39 5.47
C ASN A 482 -7.48 16.42 6.44
N ARG A 483 -8.80 16.59 6.43
CA ARG A 483 -9.46 17.62 7.22
C ARG A 483 -10.43 16.98 8.20
N TYR A 484 -10.53 17.57 9.39
CA TYR A 484 -11.39 17.08 10.46
C TYR A 484 -12.22 18.22 11.04
N TYR A 485 -12.86 18.98 10.16
CA TYR A 485 -13.85 19.96 10.60
C TYR A 485 -15.06 19.24 11.16
N GLY A 486 -15.40 19.52 12.41
CA GLY A 486 -16.44 18.79 13.11
C GLY A 486 -15.93 17.79 14.11
N TRP A 487 -14.63 17.56 14.14
CA TRP A 487 -14.02 16.68 15.17
C TRP A 487 -12.91 17.48 15.86
N TYR A 488 -11.66 17.21 15.48
CA TYR A 488 -10.50 17.90 16.10
C TYR A 488 -10.67 19.41 15.97
N PHE A 489 -11.18 19.86 14.83
CA PHE A 489 -11.34 21.31 14.58
C PHE A 489 -12.81 21.71 14.52
N GLY A 490 -13.38 22.17 15.62
CA GLY A 490 -14.76 22.69 15.58
C GLY A 490 -15.74 21.87 16.38
N GLY A 491 -15.49 20.58 16.51
CA GLY A 491 -16.43 19.71 17.18
C GLY A 491 -16.57 20.09 18.64
N PRO A 492 -17.78 20.00 19.19
CA PRO A 492 -19.01 19.47 18.58
C PRO A 492 -19.86 20.48 17.83
N ASP A 493 -19.38 21.69 17.55
CA ASP A 493 -20.18 22.70 16.85
C ASP A 493 -20.04 22.46 15.35
N LEU A 494 -20.97 21.67 14.79
CA LEU A 494 -20.92 21.37 13.36
C LEU A 494 -21.32 22.58 12.52
N GLU A 495 -22.15 23.47 13.06
CA GLU A 495 -22.49 24.68 12.34
C GLU A 495 -21.26 25.54 12.08
N VAL A 496 -20.52 25.87 13.14
CA VAL A 496 -19.30 26.65 12.98
C VAL A 496 -18.30 25.88 12.13
N SER A 497 -18.17 24.58 12.38
CA SER A 497 -17.23 23.76 11.59
C SER A 497 -17.54 23.83 10.11
N GLU A 498 -18.82 24.05 9.75
CA GLU A 498 -19.19 24.07 8.33
C GLU A 498 -18.63 25.30 7.63
N THR A 499 -18.79 26.48 8.24
CA THR A 499 -18.27 27.69 7.61
C THR A 499 -16.77 27.60 7.39
N GLY A 500 -16.04 27.00 8.34
CA GLY A 500 -14.62 26.79 8.17
C GLY A 500 -14.31 25.91 6.99
N LEU A 501 -14.88 24.70 6.98
CA LEU A 501 -14.68 23.80 5.85
C LEU A 501 -14.98 24.48 4.53
N ARG A 502 -16.09 25.23 4.47
CA ARG A 502 -16.42 25.94 3.24
C ARG A 502 -15.37 26.99 2.90
N LYS A 503 -14.91 27.74 3.91
CA LYS A 503 -13.96 28.82 3.64
C LYS A 503 -12.64 28.26 3.09
N GLU A 504 -12.11 27.21 3.71
CA GLU A 504 -10.87 26.63 3.22
C GLU A 504 -11.07 25.95 1.88
N LEU A 505 -12.14 25.16 1.75
CA LEU A 505 -12.38 24.44 0.51
C LEU A 505 -12.56 25.39 -0.66
N SER A 506 -13.34 26.45 -0.47
CA SER A 506 -13.50 27.45 -1.53
C SER A 506 -12.15 28.01 -1.97
N ASP A 507 -11.26 28.29 -0.99
CA ASP A 507 -9.95 28.80 -1.33
C ASP A 507 -9.16 27.81 -2.19
N TRP A 508 -9.24 26.52 -1.88
CA TRP A 508 -8.49 25.53 -2.63
C TRP A 508 -8.86 25.52 -4.10
N GLY A 509 -10.07 25.98 -4.46
CA GLY A 509 -10.45 26.03 -5.85
C GLY A 509 -9.61 26.98 -6.68
N LYS A 510 -8.89 27.91 -6.03
CA LYS A 510 -8.07 28.87 -6.76
C LYS A 510 -7.00 28.21 -7.61
N LEU A 511 -6.61 26.97 -7.28
CA LEU A 511 -5.54 26.30 -8.01
C LEU A 511 -6.00 25.75 -9.36
N GLY A 512 -7.29 25.53 -9.54
CA GLY A 512 -7.77 24.92 -10.76
C GLY A 512 -7.44 23.45 -10.92
N LYS A 513 -6.89 22.82 -9.89
CA LYS A 513 -6.57 21.40 -9.92
C LYS A 513 -7.68 20.59 -9.27
N PRO A 514 -7.65 19.27 -9.43
CA PRO A 514 -8.68 18.44 -8.80
C PRO A 514 -8.41 18.29 -7.31
N VAL A 515 -9.49 18.43 -6.52
CA VAL A 515 -9.40 18.34 -5.07
C VAL A 515 -10.21 17.14 -4.61
N MET A 516 -9.65 16.36 -3.70
CA MET A 516 -10.34 15.25 -3.08
C MET A 516 -9.91 15.13 -1.63
N PHE A 517 -10.85 14.72 -0.78
CA PHE A 517 -10.56 14.44 0.62
C PHE A 517 -10.18 12.98 0.78
N THR A 518 -8.96 12.72 1.21
CA THR A 518 -8.51 11.36 1.47
C THR A 518 -8.71 10.93 2.91
N GLU A 519 -9.12 11.84 3.79
CA GLU A 519 -9.40 11.50 5.18
C GLU A 519 -10.38 12.51 5.77
N TYR A 520 -11.35 12.00 6.53
CA TYR A 520 -12.25 12.83 7.31
C TYR A 520 -13.23 11.94 8.05
N GLY A 521 -13.36 12.14 9.36
CA GLY A 521 -14.22 11.28 10.15
C GLY A 521 -14.18 11.68 11.61
N ALA A 522 -14.98 10.97 12.40
CA ALA A 522 -15.10 11.23 13.82
C ALA A 522 -15.13 9.92 14.58
N ASP A 523 -14.36 9.83 15.66
CA ASP A 523 -14.30 8.61 16.45
C ASP A 523 -15.68 8.26 17.00
N THR A 524 -16.15 7.07 16.69
CA THR A 524 -17.46 6.59 17.11
C THR A 524 -17.30 5.22 17.75
N VAL A 525 -17.73 5.09 19.00
CA VAL A 525 -17.72 3.80 19.69
C VAL A 525 -19.00 3.07 19.34
N SER A 526 -18.88 2.00 18.55
CA SER A 526 -20.06 1.23 18.14
C SER A 526 -20.92 0.86 19.35
N GLY A 527 -22.21 1.17 19.24
CA GLY A 527 -23.17 0.88 20.28
C GLY A 527 -23.65 2.07 21.07
N LEU A 528 -22.89 3.17 21.06
CA LEU A 528 -23.29 4.38 21.79
C LEU A 528 -24.27 5.18 20.94
N HIS A 529 -25.48 5.35 21.45
CA HIS A 529 -26.55 6.04 20.72
C HIS A 529 -27.12 7.17 21.57
N ASP A 530 -27.71 8.13 20.87
CA ASP A 530 -28.40 9.25 21.52
C ASP A 530 -29.29 9.94 20.51
N THR A 531 -30.52 10.26 20.93
CA THR A 531 -31.41 11.03 20.07
C THR A 531 -30.84 12.42 19.83
N THR A 532 -30.52 13.15 20.91
CA THR A 532 -29.75 14.38 20.83
C THR A 532 -28.29 14.01 20.94
N SER A 533 -27.61 13.94 19.79
CA SER A 533 -26.32 13.27 19.72
C SER A 533 -25.22 14.07 20.42
N VAL A 534 -24.18 13.35 20.82
CA VAL A 534 -22.95 13.93 21.35
C VAL A 534 -21.79 13.22 20.67
N MET A 535 -20.59 13.75 20.86
CA MET A 535 -19.41 13.17 20.24
C MET A 535 -19.20 11.75 20.73
N TYR A 536 -18.80 10.86 19.82
CA TYR A 536 -18.48 9.45 20.02
C TYR A 536 -19.71 8.56 19.83
N THR A 537 -20.90 9.11 19.69
CA THR A 537 -22.09 8.31 19.42
C THR A 537 -22.21 8.05 17.92
N GLU A 538 -22.97 7.00 17.58
CA GLU A 538 -23.20 6.70 16.18
C GLU A 538 -23.97 7.82 15.49
N GLU A 539 -24.89 8.47 16.21
CA GLU A 539 -25.66 9.56 15.62
C GLU A 539 -24.76 10.72 15.22
N TYR A 540 -23.87 11.14 16.12
CA TYR A 540 -22.97 12.24 15.80
C TYR A 540 -22.12 11.91 14.57
N GLN A 541 -21.61 10.68 14.50
CA GLN A 541 -20.77 10.29 13.37
C GLN A 541 -21.48 10.52 12.05
N VAL A 542 -22.77 10.18 11.97
CA VAL A 542 -23.53 10.40 10.74
C VAL A 542 -23.66 11.88 10.46
N GLU A 543 -24.03 12.67 11.48
CA GLU A 543 -24.16 14.12 11.29
C GLU A 543 -22.87 14.72 10.77
N TYR A 544 -21.73 14.32 11.35
CA TYR A 544 -20.43 14.82 10.90
C TYR A 544 -20.26 14.64 9.40
N TYR A 545 -20.56 13.45 8.90
CA TYR A 545 -20.39 13.19 7.47
C TYR A 545 -21.47 13.86 6.62
N GLU A 546 -22.64 14.13 7.20
CA GLU A 546 -23.66 14.88 6.46
C GLU A 546 -23.21 16.31 6.22
N MET A 547 -22.72 16.99 7.27
CA MET A 547 -22.27 18.36 7.13
C MET A 547 -21.11 18.45 6.13
N ASN A 548 -20.11 17.57 6.28
CA ASN A 548 -18.97 17.60 5.36
C ASN A 548 -19.40 17.32 3.93
N ASN A 549 -20.13 16.23 3.71
CA ASN A 549 -20.56 15.90 2.36
C ASN A 549 -21.40 17.00 1.74
N LYS A 550 -22.20 17.70 2.55
CA LYS A 550 -22.97 18.82 2.03
C LYS A 550 -22.06 19.85 1.37
N VAL A 551 -21.01 20.27 2.08
CA VAL A 551 -20.09 21.25 1.52
C VAL A 551 -19.38 20.68 0.29
N PHE A 552 -18.94 19.43 0.37
CA PHE A 552 -18.23 18.81 -0.76
C PHE A 552 -19.02 18.99 -2.05
N ASP A 553 -20.32 18.70 -2.02
CA ASP A 553 -21.15 18.76 -3.22
C ASP A 553 -21.36 20.18 -3.72
N GLU A 554 -20.96 21.19 -2.96
CA GLU A 554 -21.12 22.58 -3.39
C GLU A 554 -20.04 23.01 -4.38
N PHE A 555 -18.99 22.21 -4.55
CA PHE A 555 -17.85 22.60 -5.39
C PHE A 555 -17.62 21.51 -6.42
N ASP A 556 -17.59 21.91 -7.70
CA ASP A 556 -17.43 20.97 -8.81
C ASP A 556 -16.00 20.49 -9.00
N PHE A 557 -15.02 21.14 -8.37
CA PHE A 557 -13.64 20.69 -8.46
C PHE A 557 -13.29 19.62 -7.43
N VAL A 558 -14.22 19.26 -6.56
CA VAL A 558 -14.04 18.13 -5.65
C VAL A 558 -14.39 16.86 -6.43
N VAL A 559 -13.39 16.02 -6.67
CA VAL A 559 -13.54 14.85 -7.53
C VAL A 559 -13.49 13.54 -6.75
N GLY A 560 -13.56 13.61 -5.41
CA GLY A 560 -13.50 12.40 -4.62
C GLY A 560 -13.66 12.59 -3.14
N GLU A 561 -14.30 11.63 -2.48
CA GLU A 561 -14.47 11.64 -1.03
C GLU A 561 -14.09 10.27 -0.50
N GLN A 562 -13.10 10.22 0.39
CA GLN A 562 -12.67 8.98 1.03
C GLN A 562 -12.64 9.21 2.54
N ALA A 563 -13.49 8.49 3.25
CA ALA A 563 -13.61 8.67 4.69
C ALA A 563 -12.45 7.97 5.41
N TRP A 564 -12.26 8.39 6.67
CA TRP A 564 -11.27 7.78 7.55
C TRP A 564 -11.99 7.34 8.82
N ASN A 565 -11.94 6.04 9.11
CA ASN A 565 -11.27 5.00 8.35
C ASN A 565 -12.29 3.95 7.91
N PHE A 566 -11.86 3.00 7.06
CA PHE A 566 -12.74 1.91 6.66
C PHE A 566 -13.26 1.14 7.87
N ALA A 567 -12.37 0.83 8.81
CA ALA A 567 -12.75 0.10 10.01
C ALA A 567 -11.82 0.49 11.15
N ASP A 568 -12.26 0.21 12.38
CA ASP A 568 -11.45 0.52 13.55
C ASP A 568 -10.15 -0.27 13.51
N PHE A 569 -9.05 0.36 13.95
CA PHE A 569 -7.73 -0.25 13.89
C PHE A 569 -6.96 0.10 15.16
N ALA A 570 -5.87 -0.64 15.37
CA ALA A 570 -5.09 -0.54 16.60
C ALA A 570 -4.04 0.56 16.50
N THR A 571 -3.85 1.26 17.61
CA THR A 571 -2.86 2.32 17.74
C THR A 571 -2.10 2.11 19.05
N SER A 572 -1.17 3.02 19.33
CA SER A 572 -0.54 3.04 20.64
C SER A 572 -1.52 3.60 21.66
N GLN A 573 -1.33 3.21 22.92
CA GLN A 573 -2.22 3.68 23.97
C GLN A 573 -2.05 5.17 24.19
N SER A 574 -3.12 5.80 24.66
CA SER A 574 -3.17 7.25 24.81
C SER A 574 -4.55 7.64 25.29
N LEU A 575 -4.63 8.82 25.92
CA LEU A 575 -5.91 9.31 26.40
C LEU A 575 -6.86 9.62 25.26
N LEU A 576 -6.35 9.97 24.09
CA LEU A 576 -7.18 10.32 22.95
C LEU A 576 -7.57 9.11 22.11
N ARG A 577 -7.15 7.91 22.49
CA ARG A 577 -7.42 6.70 21.73
C ARG A 577 -8.22 5.74 22.61
N VAL A 578 -9.49 5.53 22.25
CA VAL A 578 -10.39 4.69 23.05
C VAL A 578 -10.21 3.26 22.55
N GLN A 579 -9.19 2.60 23.10
CA GLN A 579 -8.86 1.23 22.71
C GLN A 579 -8.55 1.16 21.22
N GLY A 580 -7.71 2.08 20.76
CA GLY A 580 -7.37 2.20 19.36
C GLY A 580 -8.12 3.33 18.69
N ASN A 581 -8.05 3.32 17.36
CA ASN A 581 -8.75 4.31 16.55
C ASN A 581 -10.15 3.80 16.21
N LYS A 582 -11.16 4.60 16.53
CA LYS A 582 -12.55 4.22 16.36
C LYS A 582 -13.27 5.11 15.34
N LYS A 583 -12.52 5.70 14.41
CA LYS A 583 -13.12 6.50 13.36
C LYS A 583 -13.64 5.67 12.19
N GLY A 584 -13.52 4.34 12.26
CA GLY A 584 -13.93 3.51 11.14
C GLY A 584 -15.44 3.52 10.93
N LEU A 585 -15.83 3.35 9.68
CA LEU A 585 -17.25 3.15 9.38
C LEU A 585 -17.74 1.80 9.87
N PHE A 586 -16.86 0.79 9.85
CA PHE A 586 -17.14 -0.53 10.38
C PHE A 586 -16.23 -0.80 11.58
N THR A 587 -16.64 -1.77 12.39
CA THR A 587 -15.82 -2.18 13.52
C THR A 587 -14.60 -2.95 13.03
N ARG A 588 -13.70 -3.26 13.96
CA ARG A 588 -12.49 -3.99 13.58
C ARG A 588 -12.83 -5.36 13.01
N ASP A 589 -13.95 -5.94 13.42
CA ASP A 589 -14.42 -7.19 12.85
C ASP A 589 -15.41 -6.96 11.70
N ARG A 590 -15.34 -5.82 11.03
CA ARG A 590 -16.11 -5.55 9.81
C ARG A 590 -17.61 -5.47 10.08
N LYS A 591 -18.01 -5.06 11.28
CA LYS A 591 -19.45 -4.95 11.42
C LYS A 591 -19.90 -3.51 11.20
N PRO A 592 -21.04 -3.31 10.53
CA PRO A 592 -21.42 -1.96 10.10
C PRO A 592 -21.89 -1.10 11.25
N LYS A 593 -21.31 0.09 11.38
CA LYS A 593 -21.89 1.13 12.21
C LYS A 593 -22.99 1.84 11.41
N MET A 594 -23.82 2.61 12.13
CA MET A 594 -24.91 3.29 11.46
C MET A 594 -24.42 4.15 10.30
N VAL A 595 -23.22 4.70 10.41
CA VAL A 595 -22.68 5.53 9.34
C VAL A 595 -22.47 4.69 8.08
N ALA A 596 -22.08 3.42 8.25
CA ALA A 596 -21.83 2.56 7.10
C ALA A 596 -23.06 2.47 6.20
N HIS A 597 -24.25 2.47 6.80
CA HIS A 597 -25.47 2.45 6.00
C HIS A 597 -25.72 3.81 5.37
N TYR A 598 -25.44 4.89 6.10
CA TYR A 598 -25.56 6.22 5.54
C TYR A 598 -24.81 6.32 4.21
N PHE A 599 -23.51 6.03 4.24
CA PHE A 599 -22.70 6.13 3.02
C PHE A 599 -23.24 5.23 1.93
N ARG A 600 -23.56 3.98 2.27
CA ARG A 600 -24.08 3.06 1.27
C ARG A 600 -25.29 3.64 0.55
N ASN A 601 -26.16 4.34 1.29
CA ASN A 601 -27.29 5.01 0.65
C ASN A 601 -26.81 6.18 -0.20
N ARG A 602 -25.88 6.98 0.31
CA ARG A 602 -25.36 8.11 -0.45
C ARG A 602 -24.63 7.63 -1.71
N TRP A 603 -23.62 6.77 -1.53
CA TRP A 603 -22.85 6.29 -2.66
C TRP A 603 -23.70 5.53 -3.68
N SER A 604 -24.88 5.07 -3.29
CA SER A 604 -25.75 4.38 -4.24
C SER A 604 -26.29 5.35 -5.28
N ALA A 605 -26.61 6.57 -4.88
CA ALA A 605 -27.13 7.59 -5.77
C ALA A 605 -26.03 8.49 -6.34
N ILE A 606 -24.78 8.02 -6.33
CA ILE A 606 -23.66 8.77 -6.88
C ILE A 606 -22.91 7.86 -7.84
N PRO A 607 -22.78 8.21 -9.11
CA PRO A 607 -22.14 7.30 -10.07
C PRO A 607 -20.62 7.44 -10.06
N GLU A 608 -19.97 6.48 -10.71
CA GLU A 608 -18.52 6.52 -10.83
C GLU A 608 -18.08 7.65 -11.76
N PHE A 609 -18.82 7.85 -12.85
CA PHE A 609 -18.51 8.88 -13.82
C PHE A 609 -19.68 9.84 -13.98
N GLY A 610 -19.37 11.08 -14.33
CA GLY A 610 -20.37 12.09 -14.62
C GLY A 610 -21.01 12.75 -13.41
N TYR A 611 -20.60 12.39 -12.20
CA TYR A 611 -21.17 13.01 -11.01
C TYR A 611 -21.07 14.52 -11.07
N LYS A 612 -19.96 15.04 -11.59
CA LYS A 612 -19.77 16.48 -11.72
C LYS A 612 -19.95 16.91 -13.18
#